data_1HLT
#
_entry.id   1HLT
#
_cell.length_a   50.900
_cell.length_b   50.900
_cell.length_c   325.800
_cell.angle_alpha   90.00
_cell.angle_beta   90.00
_cell.angle_gamma   90.00
#
_symmetry.space_group_name_H-M   'P 43'
#
loop_
_entity.id
_entity.type
_entity.pdbx_description
1 polymer 'ALPHA-THROMBIN (SMALL SUBUNIT)'
2 polymer 'ALPHA-THROMBIN (LARGE SUBUNIT)'
3 polymer Thrombomodulin
4 non-polymer D-phenylalanyl-N-[(2S,3S)-6-{[amino(iminio)methyl]amino}-1-chloro-2-hydroxyhexan-3-yl]-L-prolinamide
5 water water
#
loop_
_entity_poly.entity_id
_entity_poly.type
_entity_poly.pdbx_seq_one_letter_code
_entity_poly.pdbx_strand_id
1 'polypeptide(L)' ADCGLRPLFEKKSLEDKTERELLESYI L,J
2 'polypeptide(L)'
;IVEGSDAEIGMSPWQVMLFRKSPQELLCGASLISDRWVLTAAHCLLYPPWDKNFTENDLLVRIGKHSRTRYERNIEKISM
LEKIYIHPRYNWRENLDRDIALMKLKKPVAFSDYIHPVCLPDRETAASLLQAGYKGRVTGWGNLKETWTANVGKGQPSVL
QVVNLPIVERPVCKDSTRIRITDNMFCAGYKPDEGKRGDACEGDSGGPFVMKSPFNNRWYQMGIVSWGEGCDRDGKYGFY
THVFRLKKWIQKVIDQFGE
;
H,K
3 'polypeptide(L)' ECPEGYILDDGFICTDIDE R
#
# COMPACT_ATOMS: atom_id res chain seq x y z
N ALA A 1 20.69 -1.35 -26.44
CA ALA A 1 21.74 -2.02 -27.28
C ALA A 1 21.96 -3.49 -26.90
N ASP A 2 21.39 -3.81 -25.72
CA ASP A 2 21.38 -5.18 -25.20
C ASP A 2 19.93 -5.67 -25.49
N CYS A 3 19.14 -4.66 -25.70
CA CYS A 3 17.75 -4.64 -26.02
C CYS A 3 17.17 -5.88 -26.69
N GLY A 4 15.93 -6.07 -26.34
CA GLY A 4 15.07 -7.08 -26.82
C GLY A 4 15.52 -8.48 -26.55
N LEU A 5 16.58 -8.67 -25.81
CA LEU A 5 17.09 -10.04 -25.42
C LEU A 5 16.82 -10.22 -23.92
N ARG A 6 16.03 -11.14 -23.62
CA ARG A 6 15.38 -11.39 -22.33
C ARG A 6 16.29 -12.23 -21.42
N PRO A 7 16.65 -11.53 -20.33
CA PRO A 7 17.48 -12.12 -19.31
C PRO A 7 17.10 -13.56 -19.05
N LEU A 8 15.90 -13.77 -18.57
CA LEU A 8 15.49 -15.13 -18.22
C LEU A 8 15.13 -15.95 -19.40
N PHE A 9 15.29 -15.52 -20.63
CA PHE A 9 14.86 -16.45 -21.74
C PHE A 9 16.01 -16.43 -22.78
N GLU A 10 15.92 -15.39 -23.60
CA GLU A 10 16.90 -15.20 -24.67
C GLU A 10 18.30 -15.40 -24.13
N LYS A 11 18.57 -15.23 -22.88
CA LYS A 11 19.98 -15.49 -22.37
C LYS A 11 20.02 -16.93 -21.91
N LYS A 12 19.50 -17.31 -20.77
CA LYS A 12 19.42 -18.72 -20.32
C LYS A 12 19.15 -19.57 -21.56
N SER A 13 18.60 -18.90 -22.58
CA SER A 13 18.31 -19.52 -23.88
C SER A 13 17.27 -20.65 -23.81
N LEU A 14 16.12 -20.24 -23.37
CA LEU A 14 14.89 -20.91 -23.17
C LEU A 14 13.85 -20.12 -24.02
N GLU A 15 12.81 -20.84 -24.36
CA GLU A 15 11.66 -20.34 -25.11
C GLU A 15 10.46 -20.16 -24.16
N ASP A 16 9.67 -19.15 -24.46
CA ASP A 16 8.47 -18.95 -23.61
C ASP A 16 7.30 -19.75 -24.23
N LYS A 17 6.42 -20.12 -23.33
CA LYS A 17 5.23 -20.89 -23.59
C LYS A 17 4.67 -20.75 -24.98
N THR A 18 4.67 -19.58 -25.60
CA THR A 18 4.03 -19.42 -26.92
C THR A 18 4.72 -18.63 -27.99
N GLU A 19 6.05 -18.44 -28.00
CA GLU A 19 6.75 -17.63 -28.99
C GLU A 19 7.06 -18.39 -30.27
N ARG A 20 6.86 -19.69 -30.14
CA ARG A 20 7.10 -20.59 -31.27
C ARG A 20 5.99 -20.23 -32.29
N GLU A 21 4.92 -19.81 -31.66
CA GLU A 21 3.74 -19.47 -32.51
C GLU A 21 4.07 -18.39 -33.52
N LEU A 22 4.63 -17.35 -32.98
CA LEU A 22 5.07 -16.15 -33.66
C LEU A 22 6.07 -16.55 -34.74
N LEU A 23 7.14 -17.15 -34.24
CA LEU A 23 8.23 -17.51 -35.19
C LEU A 23 7.70 -18.33 -36.32
N GLU A 24 6.64 -19.05 -36.08
CA GLU A 24 6.06 -19.91 -37.11
C GLU A 24 5.19 -19.19 -38.08
N SER A 25 4.80 -18.00 -37.70
CA SER A 25 3.92 -17.18 -38.54
C SER A 25 4.62 -16.50 -39.69
N TYR A 26 5.93 -16.31 -39.58
CA TYR A 26 6.78 -15.60 -40.56
C TYR A 26 7.36 -16.58 -41.58
N ILE A 27 6.82 -16.47 -42.79
CA ILE A 27 7.21 -17.30 -43.96
C ILE A 27 6.09 -18.33 -44.22
N ILE B 1 -6.43 -7.72 -20.92
CA ILE B 1 -6.48 -8.16 -22.34
C ILE B 1 -7.53 -9.26 -22.50
N VAL B 2 -8.44 -9.04 -23.45
CA VAL B 2 -9.54 -9.98 -23.73
C VAL B 2 -9.10 -11.21 -24.53
N GLU B 3 -9.36 -12.34 -23.92
CA GLU B 3 -9.08 -13.66 -24.53
C GLU B 3 -7.58 -14.02 -24.50
N GLY B 4 -6.86 -13.41 -23.57
CA GLY B 4 -5.40 -13.65 -23.39
C GLY B 4 -5.09 -14.95 -22.59
N SER B 5 -3.82 -14.91 -22.09
CA SER B 5 -3.18 -15.94 -21.25
C SER B 5 -2.61 -15.27 -20.02
N ASP B 6 -1.90 -16.02 -19.20
CA ASP B 6 -1.32 -15.36 -17.95
C ASP B 6 0.11 -15.16 -18.34
N ALA B 7 0.70 -14.01 -18.15
CA ALA B 7 2.12 -13.84 -18.60
C ALA B 7 2.97 -14.77 -17.75
N GLU B 8 4.18 -15.07 -18.14
CA GLU B 8 5.16 -15.93 -17.46
C GLU B 8 6.20 -15.11 -16.74
N ILE B 9 6.77 -15.51 -15.63
CA ILE B 9 7.79 -14.59 -15.06
C ILE B 9 8.90 -14.22 -16.00
N GLY B 10 9.32 -12.97 -15.93
CA GLY B 10 10.39 -12.38 -16.71
C GLY B 10 10.20 -12.38 -18.22
N MET B 11 9.06 -12.82 -18.69
CA MET B 11 8.69 -12.93 -20.07
C MET B 11 8.56 -11.62 -20.84
N SER B 12 8.43 -10.50 -20.16
CA SER B 12 8.21 -9.23 -20.91
C SER B 12 8.70 -8.02 -20.14
N PRO B 13 10.06 -7.89 -20.11
CA PRO B 13 10.71 -6.86 -19.32
C PRO B 13 10.46 -5.43 -19.66
N TRP B 14 10.19 -5.06 -20.88
CA TRP B 14 9.99 -3.64 -21.23
C TRP B 14 8.63 -3.07 -20.89
N GLN B 15 7.78 -3.82 -20.30
CA GLN B 15 6.40 -3.46 -19.94
C GLN B 15 6.45 -2.47 -18.78
N VAL B 16 5.57 -1.51 -18.81
CA VAL B 16 5.55 -0.49 -17.74
C VAL B 16 4.07 -0.29 -17.45
N MET B 17 3.76 -0.13 -16.21
CA MET B 17 2.40 0.09 -15.69
C MET B 17 2.40 1.60 -15.38
N LEU B 18 1.55 2.32 -15.98
CA LEU B 18 1.54 3.84 -15.74
C LEU B 18 0.51 4.01 -14.63
N PHE B 19 0.90 4.59 -13.51
CA PHE B 19 0.04 4.68 -12.33
C PHE B 19 -0.60 5.99 -12.01
N ARG B 20 -1.91 6.02 -11.85
CA ARG B 20 -2.51 7.30 -11.41
C ARG B 20 -2.23 7.35 -9.89
N LYS B 21 -1.63 8.43 -9.48
CA LYS B 21 -1.31 8.62 -8.05
C LYS B 21 -2.52 8.77 -7.12
N SER B 22 -3.53 9.49 -7.62
CA SER B 22 -4.74 9.69 -6.86
C SER B 22 -5.99 9.93 -7.74
N PRO B 23 -6.99 9.08 -7.56
CA PRO B 23 -6.97 7.95 -6.61
C PRO B 23 -5.95 6.92 -7.07
N GLN B 24 -5.27 6.24 -6.16
CA GLN B 24 -4.29 5.22 -6.63
C GLN B 24 -5.02 4.15 -7.46
N GLU B 25 -4.62 4.12 -8.74
CA GLU B 25 -5.20 3.22 -9.75
C GLU B 25 -4.52 3.42 -11.11
N LEU B 26 -4.64 2.35 -11.87
CA LEU B 26 -4.07 2.17 -13.20
C LEU B 26 -4.61 3.11 -14.28
N LEU B 27 -3.66 3.54 -15.04
CA LEU B 27 -3.86 4.40 -16.16
C LEU B 27 -3.67 3.57 -17.41
N CYS B 28 -2.41 3.28 -17.69
CA CYS B 28 -2.03 2.62 -18.93
C CYS B 28 -0.65 1.91 -18.87
N GLY B 29 -0.33 1.25 -20.01
CA GLY B 29 0.95 0.52 -20.23
C GLY B 29 1.97 1.53 -20.80
N ALA B 30 3.09 1.08 -21.01
CA ALA B 30 4.23 1.86 -21.48
C ALA B 30 5.25 0.76 -21.83
N SER B 31 6.42 1.17 -22.23
CA SER B 31 7.44 0.19 -22.62
C SER B 31 8.75 0.90 -22.31
N LEU B 32 9.59 0.20 -21.64
CA LEU B 32 10.91 0.79 -21.39
C LEU B 32 11.64 0.64 -22.73
N ILE B 33 12.22 1.69 -23.24
CA ILE B 33 12.91 1.56 -24.53
C ILE B 33 14.42 1.77 -24.28
N SER B 34 14.67 2.31 -23.09
CA SER B 34 16.04 2.59 -22.58
C SER B 34 15.99 2.63 -21.04
N ASP B 35 17.01 3.25 -20.44
CA ASP B 35 17.08 3.35 -18.97
C ASP B 35 16.54 4.66 -18.43
N ARG B 36 15.92 5.45 -19.26
CA ARG B 36 15.32 6.69 -18.75
C ARG B 36 14.23 7.15 -19.71
N TRP B 37 14.07 6.49 -20.85
CA TRP B 37 12.89 6.86 -21.69
C TRP B 37 11.87 5.73 -21.68
N VAL B 38 10.60 6.13 -21.69
CA VAL B 38 9.41 5.27 -21.72
C VAL B 38 8.44 5.74 -22.80
N LEU B 39 7.81 4.80 -23.49
CA LEU B 39 6.88 5.20 -24.57
C LEU B 39 5.49 4.66 -24.28
N THR B 40 4.54 5.58 -24.28
CA THR B 40 3.11 5.37 -24.13
C THR B 40 2.27 6.04 -25.24
N ALA B 41 0.96 5.84 -25.11
CA ALA B 41 -0.05 6.41 -26.00
C ALA B 41 -0.47 7.78 -25.41
N ALA B 42 -0.37 8.75 -26.29
CA ALA B 42 -0.64 10.17 -26.10
C ALA B 42 -2.00 10.42 -25.46
N HIS B 43 -3.00 9.70 -25.93
CA HIS B 43 -4.32 9.85 -25.30
C HIS B 43 -4.38 9.25 -23.91
N CYS B 44 -3.28 8.92 -23.26
CA CYS B 44 -3.26 8.38 -21.90
C CYS B 44 -3.04 9.56 -20.95
N LEU B 45 -2.41 10.49 -21.63
CA LEU B 45 -2.00 11.72 -20.97
C LEU B 45 -3.14 12.74 -21.15
N LEU B 46 -3.41 13.12 -22.38
CA LEU B 46 -4.36 14.11 -22.82
C LEU B 46 -5.45 13.59 -23.69
N TYR B 47 -6.69 13.85 -23.38
CA TYR B 47 -7.88 13.48 -24.13
C TYR B 47 -9.04 14.42 -23.73
N PRO B 48 -8.84 15.69 -24.12
CA PRO B 48 -9.74 16.80 -23.89
C PRO B 48 -11.22 16.57 -23.86
N PRO B 49 -11.73 15.69 -24.70
CA PRO B 49 -13.16 15.36 -24.71
C PRO B 49 -13.55 14.68 -23.42
N TRP B 50 -12.68 13.98 -22.73
CA TRP B 50 -13.05 13.40 -21.42
C TRP B 50 -12.38 14.20 -20.31
N ASP B 51 -11.68 15.23 -20.70
CA ASP B 51 -10.98 16.12 -19.81
C ASP B 51 -9.84 15.34 -19.11
N LYS B 52 -9.16 14.59 -19.94
CA LYS B 52 -7.96 13.89 -19.41
C LYS B 52 -6.82 14.85 -19.79
N ASN B 53 -5.97 15.08 -18.84
CA ASN B 53 -4.80 15.96 -19.02
C ASN B 53 -3.99 15.83 -17.74
N PHE B 54 -2.92 15.04 -17.83
CA PHE B 54 -2.09 14.82 -16.63
C PHE B 54 -0.74 15.50 -16.88
N THR B 55 -0.04 15.60 -15.78
CA THR B 55 1.27 16.26 -15.71
C THR B 55 2.26 15.17 -15.30
N GLU B 56 3.50 15.50 -15.47
CA GLU B 56 4.56 14.59 -15.04
C GLU B 56 4.41 14.33 -13.56
N ASN B 57 3.33 14.91 -13.01
CA ASN B 57 3.18 14.79 -11.55
C ASN B 57 1.90 14.09 -11.16
N ASP B 58 1.16 13.57 -12.08
CA ASP B 58 -0.09 12.87 -11.67
C ASP B 58 0.16 11.38 -11.77
N LEU B 59 1.23 11.05 -12.47
CA LEU B 59 1.64 9.68 -12.72
C LEU B 59 2.91 9.28 -11.95
N LEU B 60 2.95 8.01 -11.67
CA LEU B 60 3.97 7.20 -11.01
C LEU B 60 4.39 6.16 -12.02
N VAL B 61 5.60 5.69 -12.14
CA VAL B 61 5.92 4.68 -13.19
C VAL B 61 6.32 3.37 -12.53
N ARG B 62 5.71 2.26 -12.89
CA ARG B 62 6.05 0.97 -12.28
C ARG B 62 6.71 0.06 -13.27
N ILE B 63 7.97 -0.24 -13.04
CA ILE B 63 8.76 -1.16 -13.89
C ILE B 63 9.08 -2.50 -13.23
N GLY B 64 8.65 -3.58 -13.92
CA GLY B 64 8.98 -4.90 -13.46
C GLY B 64 7.91 -5.53 -12.66
N LYS B 65 6.68 -5.26 -13.04
CA LYS B 65 5.51 -5.84 -12.31
C LYS B 65 5.06 -7.07 -13.11
N HIS B 66 4.10 -7.71 -12.51
CA HIS B 66 3.48 -8.94 -13.09
C HIS B 66 2.03 -8.90 -12.61
N SER B 67 1.98 -8.67 -11.28
CA SER B 67 0.74 -8.61 -10.52
C SER B 67 0.35 -7.12 -10.55
N ARG B 68 -0.87 -6.96 -10.92
CA ARG B 68 -1.59 -5.73 -11.13
C ARG B 68 -1.78 -4.86 -9.88
N THR B 69 -2.07 -5.66 -8.85
CA THR B 69 -2.39 -5.24 -7.49
C THR B 69 -1.21 -5.19 -6.55
N ARG B 70 -0.55 -6.31 -6.39
CA ARG B 70 0.60 -6.45 -5.47
C ARG B 70 1.71 -5.46 -5.76
N TYR B 71 2.23 -4.89 -4.68
CA TYR B 71 3.37 -3.98 -4.79
C TYR B 71 4.61 -4.87 -4.67
N GLU B 72 4.91 -5.72 -5.62
CA GLU B 72 6.13 -6.59 -5.60
C GLU B 72 7.35 -5.83 -5.16
N ARG B 73 7.74 -5.95 -3.89
CA ARG B 73 8.80 -5.17 -3.27
C ARG B 73 10.21 -5.29 -3.78
N ASN B 74 10.85 -6.46 -3.94
CA ASN B 74 12.27 -6.27 -4.41
C ASN B 74 12.56 -6.56 -5.85
N ILE B 75 11.51 -6.61 -6.62
CA ILE B 75 11.42 -6.86 -8.05
C ILE B 75 11.16 -5.59 -8.84
N GLU B 76 9.96 -5.13 -8.56
CA GLU B 76 9.34 -3.97 -9.12
C GLU B 76 10.08 -2.69 -8.83
N LYS B 77 9.99 -1.73 -9.70
CA LYS B 77 10.67 -0.42 -9.46
C LYS B 77 9.63 0.66 -9.74
N ILE B 78 9.66 1.76 -9.06
CA ILE B 78 8.72 2.87 -9.22
C ILE B 78 9.59 4.06 -9.56
N SER B 79 9.24 4.79 -10.59
CA SER B 79 9.97 6.00 -11.01
C SER B 79 8.97 7.14 -11.24
N MET B 80 9.57 8.30 -11.35
CA MET B 80 8.75 9.53 -11.56
C MET B 80 9.31 10.37 -12.70
N LEU B 81 8.29 10.90 -13.44
CA LEU B 81 8.53 11.67 -14.66
C LEU B 81 9.26 12.98 -14.44
N GLU B 82 10.22 13.17 -15.35
CA GLU B 82 10.98 14.44 -15.32
C GLU B 82 10.26 15.31 -16.36
N LYS B 83 10.00 14.76 -17.54
CA LYS B 83 9.27 15.49 -18.60
C LYS B 83 8.31 14.47 -19.20
N ILE B 84 7.54 14.83 -20.15
CA ILE B 84 6.52 14.12 -20.90
C ILE B 84 6.30 14.94 -22.20
N TYR B 85 6.40 14.29 -23.32
CA TYR B 85 6.19 14.95 -24.60
C TYR B 85 5.12 14.26 -25.40
N ILE B 86 4.18 15.06 -25.87
CA ILE B 86 3.13 14.46 -26.74
C ILE B 86 3.43 14.89 -28.17
N HIS B 87 3.37 13.94 -29.07
CA HIS B 87 3.54 14.19 -30.50
C HIS B 87 2.62 15.36 -30.86
N PRO B 88 3.18 16.46 -31.35
CA PRO B 88 2.40 17.64 -31.73
C PRO B 88 1.30 17.36 -32.73
N ARG B 89 1.43 16.39 -33.59
CA ARG B 89 0.26 16.17 -34.53
C ARG B 89 -0.57 15.03 -34.08
N TYR B 90 -0.73 14.96 -32.75
CA TYR B 90 -1.56 13.86 -32.16
C TYR B 90 -2.98 14.35 -32.39
N ASN B 91 -3.80 13.59 -33.04
CA ASN B 91 -5.17 14.04 -33.37
C ASN B 91 -6.17 13.59 -32.35
N TRP B 92 -6.32 14.47 -31.25
CA TRP B 92 -7.29 13.94 -30.27
C TRP B 92 -8.70 14.21 -30.80
N ARG B 93 -8.79 15.34 -31.46
CA ARG B 93 -10.02 15.86 -32.03
C ARG B 93 -10.66 14.94 -33.11
N GLU B 94 -9.90 14.22 -33.97
CA GLU B 94 -10.59 13.36 -34.99
C GLU B 94 -10.60 11.87 -34.68
N ASN B 95 -9.43 11.26 -34.82
CA ASN B 95 -9.32 9.81 -34.76
C ASN B 95 -8.06 9.28 -34.14
N LEU B 96 -7.56 10.06 -33.26
CA LEU B 96 -6.40 9.69 -32.49
C LEU B 96 -5.16 9.47 -33.34
N ASP B 97 -4.96 10.08 -34.47
CA ASP B 97 -3.78 9.98 -35.33
C ASP B 97 -2.56 10.57 -34.59
N ARG B 98 -1.61 9.69 -34.40
CA ARG B 98 -0.31 9.88 -33.77
C ARG B 98 -0.50 9.93 -32.24
N ASP B 99 -0.85 8.79 -31.73
CA ASP B 99 -1.14 8.52 -30.31
C ASP B 99 0.17 8.01 -29.76
N ILE B 100 1.16 8.91 -29.90
CA ILE B 100 2.54 8.55 -29.42
C ILE B 100 2.97 9.63 -28.45
N ALA B 101 3.53 9.10 -27.33
CA ALA B 101 4.01 9.95 -26.23
C ALA B 101 5.21 9.23 -25.57
N LEU B 102 6.15 10.03 -25.24
CA LEU B 102 7.41 9.87 -24.62
C LEU B 102 7.46 10.59 -23.27
N MET B 103 7.82 9.87 -22.26
CA MET B 103 7.94 10.48 -20.89
C MET B 103 9.33 10.12 -20.40
N LYS B 104 10.07 11.12 -19.97
CA LYS B 104 11.45 10.92 -19.52
C LYS B 104 11.51 10.92 -18.00
N LEU B 105 12.06 9.83 -17.51
CA LEU B 105 12.25 9.54 -16.09
C LEU B 105 13.21 10.58 -15.49
N LYS B 106 13.07 10.82 -14.20
CA LYS B 106 13.93 11.77 -13.44
C LYS B 106 15.36 11.27 -13.23
N LYS B 107 15.45 9.95 -13.12
CA LYS B 107 16.65 9.14 -12.96
C LYS B 107 16.55 7.88 -13.81
N PRO B 108 17.70 7.27 -14.11
CA PRO B 108 17.77 6.07 -14.96
C PRO B 108 17.24 4.87 -14.18
N VAL B 109 17.08 3.77 -14.88
CA VAL B 109 16.58 2.53 -14.28
C VAL B 109 17.63 1.39 -14.29
N ALA B 110 17.60 0.70 -13.19
CA ALA B 110 18.40 -0.46 -12.87
C ALA B 110 17.96 -1.65 -13.68
N PHE B 111 18.66 -2.22 -14.64
CA PHE B 111 17.99 -3.38 -15.35
C PHE B 111 18.20 -4.71 -14.64
N SER B 112 17.15 -5.28 -14.07
CA SER B 112 17.15 -6.57 -13.38
C SER B 112 16.72 -7.62 -14.41
N ASP B 113 16.58 -8.84 -13.96
CA ASP B 113 16.11 -9.93 -14.86
C ASP B 113 14.69 -9.57 -15.36
N TYR B 114 14.11 -8.68 -14.60
CA TYR B 114 12.77 -8.13 -14.80
C TYR B 114 12.70 -6.74 -15.41
N ILE B 115 13.68 -5.89 -15.27
CA ILE B 115 13.62 -4.56 -15.91
C ILE B 115 14.55 -4.58 -17.11
N HIS B 116 13.99 -4.63 -18.30
CA HIS B 116 14.87 -4.62 -19.51
C HIS B 116 14.20 -4.00 -20.71
N PRO B 117 14.94 -3.24 -21.51
CA PRO B 117 14.43 -2.58 -22.71
C PRO B 117 14.15 -3.39 -23.97
N VAL B 118 13.24 -2.90 -24.82
CA VAL B 118 12.79 -3.46 -26.10
C VAL B 118 13.36 -2.60 -27.22
N CYS B 119 13.71 -3.22 -28.31
CA CYS B 119 14.23 -2.50 -29.46
C CYS B 119 13.12 -1.85 -30.31
N LEU B 120 13.56 -0.78 -30.97
CA LEU B 120 12.72 -0.03 -31.94
C LEU B 120 13.21 -0.58 -33.30
N PRO B 121 12.34 -0.62 -34.30
CA PRO B 121 12.64 -1.20 -35.59
C PRO B 121 13.44 -0.30 -36.51
N ASP B 122 13.96 -0.82 -37.56
CA ASP B 122 14.80 -0.22 -38.63
C ASP B 122 14.01 -0.11 -39.90
N ARG B 123 14.18 0.87 -40.78
CA ARG B 123 13.27 0.81 -41.99
C ARG B 123 13.42 -0.63 -42.51
N GLU B 124 14.55 -1.15 -42.19
CA GLU B 124 14.99 -2.48 -42.57
C GLU B 124 14.08 -3.55 -42.04
N THR B 125 13.97 -3.83 -40.76
CA THR B 125 13.15 -4.82 -40.08
C THR B 125 11.64 -4.57 -40.17
N ALA B 126 11.32 -3.30 -40.10
CA ALA B 126 9.96 -2.78 -40.18
C ALA B 126 9.19 -3.32 -41.40
N ALA B 127 10.00 -3.40 -42.43
CA ALA B 127 9.70 -3.81 -43.76
C ALA B 127 9.46 -5.29 -43.92
N SER B 128 10.03 -6.14 -43.07
CA SER B 128 9.70 -7.58 -43.35
C SER B 128 8.92 -8.28 -42.26
N LEU B 129 8.51 -7.62 -41.19
CA LEU B 129 7.73 -8.43 -40.19
C LEU B 129 6.31 -7.85 -40.15
N LEU B 130 6.28 -6.60 -40.61
CA LEU B 130 4.97 -5.92 -40.64
C LEU B 130 4.30 -6.32 -41.95
N GLN B 131 3.44 -7.34 -41.83
CA GLN B 131 2.72 -7.90 -42.98
C GLN B 131 1.60 -8.83 -42.47
N ALA B 132 0.50 -8.67 -43.18
CA ALA B 132 -0.71 -9.47 -42.87
C ALA B 132 -0.19 -10.91 -42.76
N GLY B 133 -0.64 -11.58 -41.72
CA GLY B 133 -0.26 -12.97 -41.53
C GLY B 133 0.53 -13.16 -40.25
N TYR B 134 1.50 -12.30 -40.11
CA TYR B 134 2.48 -12.30 -39.04
C TYR B 134 1.87 -11.90 -37.72
N LYS B 135 2.07 -12.72 -36.72
CA LYS B 135 1.55 -12.46 -35.37
C LYS B 135 2.59 -11.69 -34.57
N GLY B 136 2.15 -10.74 -33.80
CA GLY B 136 2.78 -9.84 -32.86
C GLY B 136 2.23 -10.19 -31.47
N ARG B 137 2.75 -9.72 -30.39
CA ARG B 137 2.19 -10.12 -29.04
C ARG B 137 1.76 -8.87 -28.38
N VAL B 138 0.62 -8.82 -27.73
CA VAL B 138 0.08 -7.62 -27.04
C VAL B 138 0.08 -7.91 -25.52
N THR B 139 0.35 -6.88 -24.69
CA THR B 139 0.39 -7.13 -23.25
C THR B 139 -0.24 -6.04 -22.39
N GLY B 140 -0.86 -6.55 -21.29
CA GLY B 140 -1.54 -5.90 -20.27
C GLY B 140 -2.46 -6.36 -19.20
N TRP B 141 -2.69 -5.45 -18.21
CA TRP B 141 -3.50 -5.52 -17.03
C TRP B 141 -4.83 -4.75 -17.15
N GLY B 142 -5.42 -4.53 -18.30
CA GLY B 142 -6.73 -3.81 -18.32
C GLY B 142 -7.82 -4.88 -18.48
N ASN B 143 -9.05 -4.43 -18.61
CA ASN B 143 -10.26 -5.16 -18.83
C ASN B 143 -10.04 -6.43 -19.67
N LEU B 144 -10.67 -7.44 -19.11
CA LEU B 144 -10.69 -8.80 -19.63
C LEU B 144 -11.84 -8.92 -20.63
N LYS B 145 -12.97 -8.35 -20.23
CA LYS B 145 -14.21 -8.41 -21.02
C LYS B 145 -14.53 -7.05 -21.62
N GLU B 146 -15.06 -7.08 -22.84
CA GLU B 146 -15.42 -5.77 -23.43
C GLU B 146 -16.29 -5.10 -22.36
N THR B 147 -17.15 -5.93 -21.81
CA THR B 147 -18.07 -5.34 -20.79
C THR B 147 -18.15 -6.24 -19.56
N TRP B 148 -17.28 -5.86 -18.64
CA TRP B 148 -16.97 -6.31 -17.32
C TRP B 148 -16.47 -5.01 -16.62
N THR B 149 -16.10 -4.06 -17.48
CA THR B 149 -15.63 -2.73 -17.07
C THR B 149 -14.48 -2.85 -16.08
N GLY B 155 -13.57 -8.51 -15.44
CA GLY B 155 -13.03 -7.14 -15.29
C GLY B 155 -11.53 -7.01 -15.55
N GLN B 156 -10.75 -6.99 -14.47
CA GLN B 156 -9.29 -6.86 -14.63
C GLN B 156 -8.53 -8.11 -14.17
N PRO B 157 -7.43 -8.30 -14.92
CA PRO B 157 -6.58 -9.47 -14.73
C PRO B 157 -5.77 -9.16 -13.47
N SER B 158 -5.33 -10.16 -12.78
CA SER B 158 -4.51 -9.98 -11.57
C SER B 158 -3.02 -10.10 -11.90
N VAL B 159 -2.82 -10.62 -13.10
CA VAL B 159 -1.44 -10.78 -13.61
C VAL B 159 -1.43 -10.38 -15.06
N LEU B 160 -0.25 -9.95 -15.46
CA LEU B 160 -0.02 -9.53 -16.83
C LEU B 160 -0.78 -10.44 -17.75
N GLN B 161 -1.19 -10.03 -18.91
CA GLN B 161 -1.87 -10.92 -19.87
C GLN B 161 -1.12 -10.93 -21.19
N VAL B 162 -0.92 -12.03 -21.84
CA VAL B 162 -0.26 -11.98 -23.18
C VAL B 162 -1.39 -12.41 -24.12
N VAL B 163 -1.30 -12.10 -25.36
CA VAL B 163 -2.29 -12.48 -26.40
C VAL B 163 -1.55 -12.34 -27.72
N ASN B 164 -1.52 -13.27 -28.60
CA ASN B 164 -0.73 -13.18 -29.85
C ASN B 164 -1.73 -13.15 -31.01
N LEU B 165 -1.79 -12.02 -31.67
CA LEU B 165 -2.74 -11.78 -32.77
C LEU B 165 -1.94 -11.52 -34.05
N PRO B 166 -2.58 -11.81 -35.17
CA PRO B 166 -1.96 -11.59 -36.47
C PRO B 166 -2.23 -10.13 -36.86
N ILE B 167 -1.55 -9.61 -37.83
CA ILE B 167 -1.63 -8.30 -38.41
C ILE B 167 -2.54 -8.40 -39.63
N VAL B 168 -3.56 -7.60 -39.68
CA VAL B 168 -4.64 -7.64 -40.69
C VAL B 168 -4.25 -6.70 -41.85
N GLU B 169 -5.00 -6.80 -42.97
CA GLU B 169 -4.75 -6.06 -44.26
C GLU B 169 -5.52 -4.74 -44.39
N ARG B 170 -4.74 -3.70 -44.67
CA ARG B 170 -5.19 -2.27 -44.75
C ARG B 170 -6.67 -2.10 -45.00
N PRO B 171 -7.20 -2.60 -46.13
CA PRO B 171 -8.59 -2.47 -46.41
C PRO B 171 -9.36 -3.04 -45.30
N VAL B 172 -9.15 -4.29 -45.16
CA VAL B 172 -9.85 -5.06 -44.17
C VAL B 172 -10.20 -4.17 -42.99
N CYS B 173 -9.18 -3.50 -42.46
CA CYS B 173 -9.25 -2.61 -41.33
C CYS B 173 -10.18 -1.42 -41.47
N LYS B 174 -10.04 -0.72 -42.56
CA LYS B 174 -10.72 0.49 -42.98
C LYS B 174 -12.19 0.19 -43.30
N ASP B 175 -12.31 -1.02 -43.82
CA ASP B 175 -13.64 -1.53 -44.13
C ASP B 175 -14.24 -1.95 -42.78
N SER B 176 -13.41 -2.22 -41.80
CA SER B 176 -13.85 -2.71 -40.49
C SER B 176 -14.53 -1.64 -39.64
N THR B 177 -14.02 -0.43 -39.66
CA THR B 177 -14.52 0.68 -38.89
C THR B 177 -15.10 1.75 -39.79
N ARG B 178 -15.62 2.76 -39.09
CA ARG B 178 -16.19 3.91 -39.75
C ARG B 178 -15.20 5.08 -39.63
N ILE B 179 -14.23 4.97 -38.74
CA ILE B 179 -13.22 6.02 -38.51
C ILE B 179 -12.20 6.20 -39.62
N ARG B 180 -11.58 7.37 -39.59
CA ARG B 180 -10.54 7.74 -40.54
C ARG B 180 -9.21 7.09 -40.16
N ILE B 181 -8.86 6.03 -40.86
CA ILE B 181 -7.66 5.26 -40.72
C ILE B 181 -6.60 6.08 -41.51
N THR B 182 -5.42 6.10 -40.94
CA THR B 182 -4.25 6.77 -41.46
C THR B 182 -3.02 5.87 -41.48
N ASP B 183 -2.00 6.36 -42.20
CA ASP B 183 -0.73 5.73 -42.42
C ASP B 183 -0.01 5.47 -41.12
N ASN B 184 -0.39 6.10 -40.05
CA ASN B 184 0.27 5.93 -38.75
C ASN B 184 -0.51 5.05 -37.81
N MET B 185 -1.20 4.07 -38.36
CA MET B 185 -2.02 3.12 -37.61
C MET B 185 -1.81 1.75 -38.28
N PHE B 186 -2.35 0.78 -37.60
CA PHE B 186 -2.30 -0.61 -38.16
C PHE B 186 -3.35 -1.33 -37.30
N CYS B 187 -3.91 -2.36 -37.87
CA CYS B 187 -5.00 -3.07 -37.12
C CYS B 187 -4.49 -4.49 -37.04
N ALA B 188 -4.92 -5.23 -36.06
CA ALA B 188 -4.47 -6.59 -35.79
C ALA B 188 -5.56 -7.52 -35.35
N GLY B 189 -5.58 -8.76 -35.80
CA GLY B 189 -6.58 -9.73 -35.37
C GLY B 189 -7.03 -10.81 -36.30
N TYR B 190 -7.82 -11.76 -35.71
CA TYR B 190 -8.37 -12.83 -36.58
C TYR B 190 -9.69 -12.36 -37.19
N LYS B 191 -9.94 -12.90 -38.39
CA LYS B 191 -11.21 -12.59 -39.09
C LYS B 191 -12.33 -13.28 -38.31
N PRO B 192 -13.54 -12.73 -38.50
CA PRO B 192 -14.72 -13.28 -37.86
C PRO B 192 -14.84 -14.80 -38.03
N ASP B 193 -14.07 -15.37 -38.93
CA ASP B 193 -14.17 -16.81 -39.19
C ASP B 193 -12.91 -17.61 -38.99
N GLU B 194 -11.88 -17.00 -38.45
CA GLU B 194 -10.57 -17.68 -38.32
C GLU B 194 -10.48 -18.56 -37.03
N GLY B 195 -11.60 -18.73 -36.38
CA GLY B 195 -11.78 -19.60 -35.20
C GLY B 195 -10.78 -19.46 -34.02
N LYS B 196 -10.32 -18.25 -33.84
CA LYS B 196 -9.49 -17.81 -32.70
C LYS B 196 -9.93 -16.38 -32.41
N ARG B 197 -9.75 -15.97 -31.15
CA ARG B 197 -10.17 -14.62 -30.69
C ARG B 197 -8.99 -13.77 -30.23
N GLY B 198 -9.35 -12.70 -29.56
CA GLY B 198 -8.32 -11.89 -28.96
C GLY B 198 -8.43 -10.47 -29.28
N ASP B 199 -7.78 -9.78 -28.36
CA ASP B 199 -7.75 -8.40 -28.47
C ASP B 199 -7.29 -7.68 -27.22
N ALA B 200 -6.84 -6.46 -27.41
CA ALA B 200 -6.46 -5.62 -26.28
C ALA B 200 -7.72 -4.91 -25.89
N CYS B 201 -7.70 -4.10 -24.87
CA CYS B 201 -9.00 -3.43 -24.54
C CYS B 201 -8.75 -2.27 -23.63
N GLU B 202 -9.88 -1.75 -23.17
CA GLU B 202 -9.84 -0.61 -22.24
C GLU B 202 -8.80 -1.03 -21.18
N GLY B 203 -8.06 -0.03 -20.80
CA GLY B 203 -7.02 -0.08 -19.83
C GLY B 203 -5.70 -0.59 -20.36
N ASP B 204 -5.61 -0.92 -21.61
CA ASP B 204 -4.39 -1.44 -22.22
C ASP B 204 -3.68 -0.40 -23.09
N SER B 205 -3.88 0.86 -23.02
CA SER B 205 -3.14 1.75 -23.95
C SER B 205 -1.72 1.95 -23.55
N GLY B 206 -0.85 2.16 -24.53
CA GLY B 206 0.58 2.39 -24.33
C GLY B 206 1.42 1.11 -24.45
N GLY B 207 0.89 0.04 -23.93
CA GLY B 207 1.47 -1.30 -23.92
C GLY B 207 2.03 -1.65 -25.31
N PRO B 208 3.08 -2.46 -25.29
CA PRO B 208 3.78 -2.75 -26.53
C PRO B 208 3.09 -3.82 -27.32
N PHE B 209 3.26 -3.78 -28.62
CA PHE B 209 2.80 -4.85 -29.57
C PHE B 209 4.19 -5.15 -30.25
N VAL B 210 4.77 -6.19 -29.71
CA VAL B 210 6.11 -6.55 -30.15
C VAL B 210 6.08 -7.69 -31.14
N MET B 211 7.28 -7.86 -31.65
CA MET B 211 7.53 -8.93 -32.63
C MET B 211 8.99 -9.29 -32.41
N LYS B 212 9.26 -10.57 -32.49
CA LYS B 212 10.47 -11.30 -32.36
C LYS B 212 11.12 -11.53 -33.72
N SER B 213 12.22 -10.88 -33.95
CA SER B 213 12.89 -11.00 -35.25
C SER B 213 13.39 -12.37 -35.56
N PRO B 214 12.96 -13.03 -36.59
CA PRO B 214 13.56 -14.32 -36.91
C PRO B 214 15.05 -14.19 -37.29
N PHE B 215 15.64 -13.02 -37.51
CA PHE B 215 17.02 -12.88 -37.94
C PHE B 215 18.15 -12.68 -36.93
N ASN B 216 18.01 -11.53 -36.27
CA ASN B 216 18.89 -11.00 -35.24
C ASN B 216 18.32 -11.49 -33.89
N ASN B 217 17.17 -12.05 -33.99
CA ASN B 217 16.44 -12.75 -32.90
C ASN B 217 16.25 -11.97 -31.62
N ARG B 218 15.90 -10.69 -31.86
CA ARG B 218 15.62 -9.77 -30.74
C ARG B 218 14.18 -9.30 -30.86
N TRP B 219 13.56 -8.95 -29.72
CA TRP B 219 12.17 -8.50 -29.62
C TRP B 219 12.14 -7.00 -29.94
N TYR B 220 11.28 -6.63 -30.86
CA TYR B 220 11.02 -5.31 -31.37
C TYR B 220 9.60 -4.84 -31.06
N GLN B 221 9.42 -3.53 -31.05
CA GLN B 221 8.07 -2.92 -30.87
C GLN B 221 7.56 -2.47 -32.24
N MET B 222 6.39 -2.97 -32.62
CA MET B 222 5.84 -2.57 -33.95
C MET B 222 4.76 -1.54 -33.73
N GLY B 223 3.82 -1.79 -32.82
CA GLY B 223 2.72 -0.87 -32.49
C GLY B 223 2.66 -0.47 -31.02
N ILE B 224 1.76 0.41 -30.66
CA ILE B 224 1.49 0.91 -29.31
C ILE B 224 -0.05 0.76 -29.24
N VAL B 225 -0.63 0.00 -28.37
CA VAL B 225 -2.13 -0.18 -28.36
C VAL B 225 -2.82 1.15 -28.42
N SER B 226 -3.37 1.70 -29.46
CA SER B 226 -3.99 3.05 -29.40
C SER B 226 -5.47 3.15 -29.17
N TRP B 227 -6.27 2.60 -30.02
CA TRP B 227 -7.74 2.60 -30.02
C TRP B 227 -8.36 1.32 -30.59
N GLY B 228 -9.67 1.29 -30.60
CA GLY B 228 -10.49 0.16 -31.11
C GLY B 228 -11.96 0.51 -30.85
N GLU B 229 -12.84 -0.42 -31.12
CA GLU B 229 -14.29 -0.18 -30.94
C GLU B 229 -14.93 -1.30 -30.20
N GLY B 230 -15.00 -1.19 -28.88
CA GLY B 230 -15.58 -2.43 -28.17
C GLY B 230 -14.37 -3.34 -27.96
N CYS B 231 -14.57 -4.59 -27.59
CA CYS B 231 -13.37 -5.45 -27.32
C CYS B 231 -13.67 -6.85 -27.80
N ASP B 232 -12.73 -7.48 -28.43
CA ASP B 232 -12.76 -8.82 -29.00
C ASP B 232 -14.12 -9.04 -29.65
N ARG B 233 -14.46 -8.07 -30.47
CA ARG B 233 -15.77 -8.05 -31.23
C ARG B 233 -15.52 -8.62 -32.62
N ASP B 234 -16.46 -9.40 -33.11
CA ASP B 234 -16.24 -10.04 -34.44
C ASP B 234 -15.99 -9.02 -35.53
N GLY B 235 -15.33 -9.50 -36.56
CA GLY B 235 -14.92 -8.85 -37.78
C GLY B 235 -14.62 -7.37 -37.52
N LYS B 236 -13.98 -7.12 -36.41
CA LYS B 236 -13.64 -5.74 -35.96
C LYS B 236 -12.24 -5.87 -35.34
N TYR B 237 -11.30 -5.10 -35.85
CA TYR B 237 -9.89 -5.19 -35.39
C TYR B 237 -9.54 -3.96 -34.59
N GLY B 238 -8.47 -3.98 -33.82
CA GLY B 238 -7.98 -2.89 -32.96
C GLY B 238 -6.81 -2.18 -33.61
N PHE B 239 -6.57 -0.96 -33.22
CA PHE B 239 -5.50 -0.14 -33.91
C PHE B 239 -4.34 0.07 -32.99
N TYR B 240 -3.17 0.18 -33.55
CA TYR B 240 -1.91 0.36 -32.83
C TYR B 240 -1.15 1.51 -33.43
N THR B 241 -0.55 2.41 -32.68
CA THR B 241 0.21 3.51 -33.32
C THR B 241 1.28 2.82 -34.16
N HIS B 242 1.60 3.39 -35.26
CA HIS B 242 2.67 2.76 -36.13
C HIS B 242 3.98 3.35 -35.60
N VAL B 243 4.75 2.58 -34.81
CA VAL B 243 5.96 3.18 -34.23
C VAL B 243 7.04 3.54 -35.25
N PHE B 244 7.48 2.65 -36.09
CA PHE B 244 8.50 3.07 -37.08
C PHE B 244 8.14 4.29 -37.89
N ARG B 245 6.94 4.62 -38.29
CA ARG B 245 6.64 5.84 -39.08
C ARG B 245 6.89 7.06 -38.21
N LEU B 246 6.81 6.76 -36.93
CA LEU B 246 7.09 7.87 -35.95
C LEU B 246 8.51 7.71 -35.41
N LYS B 247 9.30 6.75 -35.93
CA LYS B 247 10.60 6.51 -35.38
C LYS B 247 11.55 7.69 -35.31
N LYS B 248 11.38 8.67 -36.15
CA LYS B 248 12.19 9.87 -36.27
C LYS B 248 11.77 10.97 -35.30
N TRP B 249 10.51 10.96 -34.93
CA TRP B 249 10.13 12.02 -33.93
C TRP B 249 10.77 11.51 -32.63
N ILE B 250 10.64 10.19 -32.45
CA ILE B 250 11.24 9.50 -31.28
C ILE B 250 12.75 9.77 -31.24
N GLN B 251 13.39 9.54 -32.39
CA GLN B 251 14.85 9.76 -32.61
C GLN B 251 15.12 11.20 -32.09
N LYS B 252 14.41 12.07 -32.76
CA LYS B 252 14.41 13.51 -32.52
C LYS B 252 14.24 13.92 -31.07
N VAL B 253 13.14 13.67 -30.36
CA VAL B 253 13.06 14.22 -28.99
C VAL B 253 14.13 13.63 -28.08
N ILE B 254 14.44 12.35 -28.28
CA ILE B 254 15.38 11.68 -27.35
C ILE B 254 16.75 12.31 -27.48
N ASP B 255 17.01 12.92 -28.60
CA ASP B 255 18.34 13.62 -28.77
C ASP B 255 18.15 15.12 -28.56
N GLN B 256 18.52 15.67 -27.41
CA GLN B 256 18.37 17.12 -27.16
C GLN B 256 17.14 17.57 -26.47
N ALA C 1 -5.24 -16.06 30.02
CA ALA C 1 -4.78 -17.37 30.49
C ALA C 1 -3.37 -17.75 30.01
N ASP C 2 -3.14 -17.40 28.72
CA ASP C 2 -1.80 -17.60 28.18
C ASP C 2 -1.21 -16.16 28.31
N CYS C 3 -2.13 -15.26 28.39
CA CYS C 3 -2.01 -13.83 28.54
C CYS C 3 -0.87 -13.28 29.40
N GLY C 4 -0.25 -12.27 28.81
CA GLY C 4 0.86 -11.56 29.37
C GLY C 4 2.11 -12.42 29.35
N LEU C 5 2.08 -13.55 28.71
CA LEU C 5 3.34 -14.36 28.60
C LEU C 5 3.88 -14.17 27.19
N ARG C 6 4.68 -13.14 26.98
CA ARG C 6 5.26 -12.83 25.67
C ARG C 6 6.03 -14.03 25.15
N PRO C 7 5.74 -14.46 23.92
CA PRO C 7 6.43 -15.61 23.35
C PRO C 7 7.87 -15.31 23.03
N LEU C 8 8.23 -14.22 22.41
CA LEU C 8 9.69 -14.18 22.12
C LEU C 8 10.41 -13.94 23.42
N PHE C 9 9.69 -13.92 24.55
CA PHE C 9 10.55 -13.60 25.78
C PHE C 9 10.31 -14.56 26.95
N GLU C 10 9.34 -14.19 27.77
CA GLU C 10 8.95 -14.88 28.97
C GLU C 10 8.98 -16.37 28.64
N LYS C 11 8.49 -16.75 27.48
CA LYS C 11 8.56 -18.22 27.18
C LYS C 11 9.94 -18.69 26.74
N LYS C 12 10.67 -17.96 25.91
CA LYS C 12 12.00 -18.38 25.46
C LYS C 12 12.88 -18.11 26.68
N SER C 13 12.22 -17.61 27.70
CA SER C 13 12.88 -17.26 28.97
C SER C 13 14.02 -16.27 28.79
N LEU C 14 13.70 -15.18 28.10
CA LEU C 14 14.61 -14.11 27.77
C LEU C 14 13.88 -12.81 28.12
N GLU C 15 14.61 -11.88 28.63
CA GLU C 15 14.35 -10.58 29.12
C GLU C 15 14.53 -9.44 28.12
N ASP C 16 13.65 -8.45 28.16
CA ASP C 16 13.87 -7.33 27.17
C ASP C 16 14.84 -6.35 27.86
N LYS C 17 15.44 -5.60 26.99
CA LYS C 17 16.48 -4.64 27.29
C LYS C 17 16.12 -3.69 28.37
N THR C 18 14.92 -3.66 28.91
CA THR C 18 14.60 -2.62 29.93
C THR C 18 13.62 -3.14 30.95
N GLU C 19 12.95 -4.27 30.79
CA GLU C 19 11.98 -4.78 31.74
C GLU C 19 12.50 -4.96 33.16
N ARG C 20 13.82 -4.90 33.31
CA ARG C 20 14.40 -5.02 34.64
C ARG C 20 14.57 -3.66 35.29
N GLU C 21 14.17 -2.58 34.70
CA GLU C 21 14.31 -1.25 35.34
C GLU C 21 12.99 -1.03 36.10
N LEU C 22 12.04 -1.74 35.53
CA LEU C 22 10.65 -1.83 35.90
C LEU C 22 10.48 -2.57 37.21
N LEU C 23 11.26 -3.60 37.41
CA LEU C 23 11.19 -4.46 38.61
C LEU C 23 11.81 -3.92 39.86
N GLU C 24 12.94 -3.29 39.63
CA GLU C 24 13.71 -2.65 40.72
C GLU C 24 12.81 -1.53 41.22
N SER C 25 11.84 -1.32 40.35
CA SER C 25 10.81 -0.29 40.49
C SER C 25 9.93 -0.67 41.67
N TYR C 26 9.32 -1.84 41.56
CA TYR C 26 8.36 -2.46 42.46
C TYR C 26 8.89 -3.03 43.77
N ILE C 27 8.95 -2.19 44.78
CA ILE C 27 9.38 -2.43 46.14
C ILE C 27 10.87 -2.04 46.33
N ILE D 1 5.60 8.42 21.16
CA ILE D 1 5.96 8.60 22.60
C ILE D 1 7.17 9.51 22.67
N VAL D 2 7.14 10.50 23.52
CA VAL D 2 8.17 11.48 23.73
C VAL D 2 9.20 10.97 24.75
N GLU D 3 10.43 11.02 24.31
CA GLU D 3 11.56 10.61 25.19
C GLU D 3 11.64 9.11 25.29
N GLY D 4 11.16 8.42 24.24
CA GLY D 4 11.15 6.97 24.16
C GLY D 4 12.45 6.37 23.66
N SER D 5 12.44 5.14 23.23
CA SER D 5 13.44 4.31 22.62
C SER D 5 12.63 3.53 21.51
N ASP D 6 13.38 2.70 20.83
CA ASP D 6 12.77 1.86 19.72
C ASP D 6 12.25 0.58 20.38
N ALA D 7 11.11 0.06 20.00
CA ALA D 7 10.65 -1.20 20.67
C ALA D 7 11.48 -2.35 20.13
N GLU D 8 11.87 -3.37 20.87
CA GLU D 8 12.62 -4.52 20.34
C GLU D 8 11.58 -5.46 19.72
N ILE D 9 11.82 -6.25 18.72
CA ILE D 9 10.78 -7.11 18.13
C ILE D 9 10.13 -8.05 19.14
N GLY D 10 8.86 -8.26 18.92
CA GLY D 10 8.01 -9.08 19.71
C GLY D 10 7.89 -8.62 21.15
N MET D 11 8.26 -7.42 21.48
CA MET D 11 8.22 -6.78 22.80
C MET D 11 6.82 -6.36 23.26
N SER D 12 5.86 -6.22 22.35
CA SER D 12 4.52 -5.78 22.84
C SER D 12 3.37 -6.43 22.07
N PRO D 13 3.24 -7.76 22.22
CA PRO D 13 2.23 -8.50 21.49
C PRO D 13 0.84 -7.91 21.44
N TRP D 14 0.34 -7.48 22.58
CA TRP D 14 -1.04 -7.02 22.78
C TRP D 14 -1.31 -5.69 22.10
N GLN D 15 -0.33 -4.90 21.89
CA GLN D 15 -0.36 -3.64 21.17
C GLN D 15 -1.16 -3.81 19.88
N VAL D 16 -2.05 -2.89 19.58
CA VAL D 16 -2.90 -2.87 18.39
C VAL D 16 -2.90 -1.49 17.73
N MET D 17 -2.83 -1.38 16.41
CA MET D 17 -2.88 -0.10 15.67
C MET D 17 -4.34 0.02 15.15
N LEU D 18 -4.81 1.21 15.23
CA LEU D 18 -6.25 1.50 14.82
C LEU D 18 -6.16 2.58 13.76
N PHE D 19 -6.40 2.08 12.56
CA PHE D 19 -6.22 2.77 11.29
C PHE D 19 -7.49 3.16 10.57
N ARG D 20 -7.47 4.43 10.19
CA ARG D 20 -8.48 5.08 9.40
C ARG D 20 -8.31 4.70 7.91
N LYS D 21 -9.29 4.02 7.39
CA LYS D 21 -9.39 3.51 6.04
C LYS D 21 -9.15 4.58 4.97
N SER D 22 -9.53 5.79 5.36
CA SER D 22 -9.46 6.92 4.42
C SER D 22 -9.77 8.28 5.03
N PRO D 23 -8.80 9.18 5.02
CA PRO D 23 -7.46 8.97 4.48
C PRO D 23 -6.73 7.88 5.26
N GLN D 24 -6.09 6.98 4.58
CA GLN D 24 -5.37 5.92 5.32
C GLN D 24 -4.29 6.58 6.17
N GLU D 25 -4.56 6.59 7.48
CA GLU D 25 -3.72 7.19 8.50
C GLU D 25 -4.05 6.66 9.89
N LEU D 26 -2.98 6.60 10.67
CA LEU D 26 -3.01 6.16 12.06
C LEU D 26 -3.98 7.11 12.82
N LEU D 27 -4.70 6.51 13.74
CA LEU D 27 -5.70 7.17 14.57
C LEU D 27 -5.35 7.14 16.05
N CYS D 28 -4.97 5.97 16.53
CA CYS D 28 -4.69 5.70 17.94
C CYS D 28 -4.03 4.32 18.17
N GLY D 29 -4.08 3.90 19.41
CA GLY D 29 -3.52 2.60 19.85
C GLY D 29 -4.66 1.73 20.38
N ALA D 30 -4.28 0.53 20.73
CA ALA D 30 -5.28 -0.45 21.24
C ALA D 30 -4.48 -1.58 21.90
N SER D 31 -5.14 -2.45 22.65
CA SER D 31 -4.32 -3.54 23.27
C SER D 31 -5.14 -4.77 22.90
N LEU D 32 -4.59 -5.89 22.61
CA LEU D 32 -5.44 -7.07 22.29
C LEU D 32 -5.68 -7.75 23.61
N ILE D 33 -6.86 -7.95 24.12
CA ILE D 33 -7.05 -8.52 25.45
C ILE D 33 -7.51 -9.97 25.38
N SER D 34 -8.05 -10.33 24.24
CA SER D 34 -8.55 -11.68 23.89
C SER D 34 -8.41 -11.79 22.37
N ASP D 35 -8.94 -12.84 21.77
CA ASP D 35 -8.74 -13.15 20.34
C ASP D 35 -9.62 -12.44 19.34
N ARG D 36 -10.66 -11.81 19.85
CA ARG D 36 -11.62 -11.11 18.97
C ARG D 36 -12.20 -9.91 19.70
N TRP D 37 -11.58 -9.52 20.81
CA TRP D 37 -11.95 -8.32 21.57
C TRP D 37 -10.71 -7.39 21.69
N VAL D 38 -10.99 -6.11 21.56
CA VAL D 38 -9.87 -5.11 21.66
C VAL D 38 -10.24 -3.93 22.51
N LEU D 39 -9.30 -3.37 23.25
CA LEU D 39 -9.62 -2.23 24.14
C LEU D 39 -8.79 -0.99 23.78
N THR D 40 -9.56 0.05 23.52
CA THR D 40 -9.20 1.40 23.15
C THR D 40 -9.82 2.51 24.01
N ALA D 41 -9.21 3.69 23.89
CA ALA D 41 -9.69 4.91 24.58
C ALA D 41 -10.85 5.45 23.70
N ALA D 42 -11.93 5.82 24.35
CA ALA D 42 -13.16 6.28 23.74
C ALA D 42 -13.09 7.49 22.88
N HIS D 43 -12.29 8.49 23.19
CA HIS D 43 -12.23 9.71 22.33
C HIS D 43 -11.56 9.41 21.00
N CYS D 44 -11.12 8.16 20.84
CA CYS D 44 -10.43 7.80 19.58
C CYS D 44 -11.55 7.64 18.53
N LEU D 45 -12.70 7.28 19.02
CA LEU D 45 -13.89 7.01 18.23
C LEU D 45 -14.94 8.12 18.31
N LEU D 46 -14.87 8.94 19.34
CA LEU D 46 -15.94 9.96 19.55
C LEU D 46 -15.46 11.09 20.40
N TYR D 47 -15.54 12.28 19.82
CA TYR D 47 -15.10 13.48 20.48
C TYR D 47 -15.78 14.69 19.84
N PRO D 48 -17.07 14.78 20.02
CA PRO D 48 -17.86 15.86 19.54
C PRO D 48 -17.21 17.18 19.39
N PRO D 49 -16.56 17.79 20.33
CA PRO D 49 -15.90 19.09 20.06
C PRO D 49 -15.25 19.13 18.70
N TRP D 50 -14.31 18.23 18.49
CA TRP D 50 -13.51 18.09 17.30
C TRP D 50 -14.23 17.47 16.11
N ASP D 51 -15.48 17.18 16.27
CA ASP D 51 -16.25 16.64 15.11
C ASP D 51 -15.96 15.21 14.80
N LYS D 52 -15.36 14.49 15.75
CA LYS D 52 -14.99 13.08 15.71
C LYS D 52 -16.12 12.14 16.14
N ASN D 53 -16.39 11.18 15.27
CA ASN D 53 -17.36 10.12 15.44
C ASN D 53 -17.15 9.03 14.38
N PHE D 54 -16.49 7.94 14.70
CA PHE D 54 -16.29 6.87 13.71
C PHE D 54 -17.12 5.64 14.08
N THR D 55 -17.08 4.76 13.08
CA THR D 55 -17.81 3.51 13.16
C THR D 55 -17.06 2.23 12.97
N GLU D 56 -17.85 1.18 12.99
CA GLU D 56 -17.32 -0.16 12.80
C GLU D 56 -16.91 -0.31 11.34
N ASN D 57 -16.95 0.84 10.67
CA ASN D 57 -16.63 0.86 9.24
C ASN D 57 -15.67 1.90 8.76
N ASP D 58 -14.91 2.60 9.53
CA ASP D 58 -14.03 3.63 8.90
C ASP D 58 -12.63 3.32 9.40
N LEU D 59 -12.65 2.33 10.27
CA LEU D 59 -11.48 1.82 10.96
C LEU D 59 -11.08 0.40 10.58
N LEU D 60 -9.80 0.18 10.53
CA LEU D 60 -9.24 -1.16 10.29
C LEU D 60 -8.46 -1.49 11.57
N VAL D 61 -8.43 -2.64 12.13
CA VAL D 61 -7.59 -2.83 13.34
C VAL D 61 -6.33 -3.50 12.77
N ARG D 62 -5.17 -3.01 13.06
CA ARG D 62 -3.93 -3.63 12.51
C ARG D 62 -3.20 -4.28 13.64
N ILE D 63 -3.22 -5.61 13.70
CA ILE D 63 -2.55 -6.28 14.85
C ILE D 63 -1.19 -6.86 14.50
N GLY D 64 -0.30 -6.88 15.49
CA GLY D 64 1.04 -7.43 15.39
C GLY D 64 2.04 -6.70 14.54
N LYS D 65 2.10 -5.40 14.73
CA LYS D 65 2.98 -4.50 13.98
C LYS D 65 4.22 -4.11 14.79
N HIS D 66 5.11 -3.42 14.10
CA HIS D 66 6.38 -2.85 14.54
C HIS D 66 6.58 -1.57 13.70
N SER D 67 6.66 -1.79 12.39
CA SER D 67 6.82 -0.63 11.48
C SER D 67 5.44 0.05 11.38
N ARG D 68 5.46 1.33 11.70
CA ARG D 68 4.35 2.24 11.70
C ARG D 68 3.61 2.35 10.36
N THR D 69 4.44 2.41 9.31
CA THR D 69 4.02 2.56 7.93
C THR D 69 4.10 1.30 7.09
N ARG D 70 5.27 0.66 7.10
CA ARG D 70 5.45 -0.54 6.27
C ARG D 70 4.32 -1.54 6.49
N TYR D 71 3.76 -1.96 5.37
CA TYR D 71 2.70 -2.97 5.44
C TYR D 71 3.40 -4.30 5.72
N GLU D 72 3.74 -4.52 6.97
CA GLU D 72 4.42 -5.79 7.37
C GLU D 72 3.62 -7.02 7.00
N ARG D 73 3.64 -7.49 5.74
CA ARG D 73 2.71 -8.48 5.19
C ARG D 73 2.73 -9.80 5.94
N ASN D 74 3.84 -10.42 6.35
CA ASN D 74 3.60 -11.81 6.90
C ASN D 74 3.37 -11.95 8.37
N ILE D 75 3.61 -10.93 9.10
CA ILE D 75 3.50 -10.77 10.54
C ILE D 75 2.22 -10.14 11.03
N GLU D 76 1.78 -9.07 10.37
CA GLU D 76 0.60 -8.38 10.84
C GLU D 76 -0.68 -8.96 10.25
N LYS D 77 -1.71 -8.77 11.04
CA LYS D 77 -3.04 -9.24 10.72
C LYS D 77 -4.02 -8.10 10.78
N ILE D 78 -4.47 -7.63 9.61
CA ILE D 78 -5.47 -6.54 9.54
C ILE D 78 -6.82 -7.18 9.81
N SER D 79 -7.70 -6.50 10.51
CA SER D 79 -9.03 -7.03 10.88
C SER D 79 -10.06 -5.89 10.81
N MET D 80 -11.31 -6.30 11.05
CA MET D 80 -12.39 -5.30 10.97
C MET D 80 -13.37 -5.49 12.12
N LEU D 81 -13.93 -4.30 12.44
CA LEU D 81 -14.91 -4.26 13.54
C LEU D 81 -16.30 -4.74 13.13
N GLU D 82 -16.75 -5.56 14.05
CA GLU D 82 -18.04 -6.19 14.04
C GLU D 82 -18.88 -5.25 14.91
N LYS D 83 -18.38 -4.77 16.02
CA LYS D 83 -19.15 -3.83 16.88
C LYS D 83 -18.17 -3.12 17.83
N ILE D 84 -18.44 -1.86 18.10
CA ILE D 84 -17.68 -0.93 18.96
C ILE D 84 -18.55 -0.53 20.14
N TYR D 85 -18.11 -0.65 21.35
CA TYR D 85 -18.90 -0.31 22.55
C TYR D 85 -18.17 0.73 23.38
N ILE D 86 -18.79 1.85 23.62
CA ILE D 86 -18.16 2.96 24.38
C ILE D 86 -18.87 3.03 25.73
N HIS D 87 -18.10 3.13 26.79
CA HIS D 87 -18.62 3.35 28.14
C HIS D 87 -19.69 4.47 28.11
N PRO D 88 -20.90 4.11 28.58
CA PRO D 88 -22.05 4.98 28.68
C PRO D 88 -21.82 6.24 29.49
N ARG D 89 -20.90 6.25 30.42
CA ARG D 89 -20.66 7.53 31.19
C ARG D 89 -19.30 8.10 30.82
N TYR D 90 -18.99 7.88 29.53
CA TYR D 90 -17.77 8.47 28.96
C TYR D 90 -18.06 9.98 28.99
N ASN D 91 -17.25 10.83 29.56
CA ASN D 91 -17.49 12.26 29.66
C ASN D 91 -16.83 13.10 28.61
N TRP D 92 -17.42 13.31 27.42
CA TRP D 92 -16.64 14.15 26.43
C TRP D 92 -16.60 15.58 26.94
N ARG D 93 -17.74 16.14 27.15
CA ARG D 93 -17.98 17.47 27.61
C ARG D 93 -17.14 17.94 28.76
N GLU D 94 -16.83 17.13 29.78
CA GLU D 94 -16.10 17.77 30.87
C GLU D 94 -14.63 17.47 30.95
N ASN D 95 -14.26 16.26 31.34
CA ASN D 95 -12.83 15.93 31.50
C ASN D 95 -12.51 14.55 30.95
N LEU D 96 -13.16 14.16 29.86
CA LEU D 96 -12.85 12.86 29.28
C LEU D 96 -13.04 11.76 30.31
N ASP D 97 -13.73 11.90 31.40
CA ASP D 97 -13.93 10.82 32.40
C ASP D 97 -14.56 9.57 31.79
N ARG D 98 -13.86 8.49 31.98
CA ARG D 98 -14.12 7.13 31.54
C ARG D 98 -13.85 7.04 30.04
N ASP D 99 -12.60 7.19 29.70
CA ASP D 99 -12.13 7.12 28.31
C ASP D 99 -11.99 5.64 28.02
N ILE D 100 -13.10 5.03 27.67
CA ILE D 100 -13.00 3.53 27.49
C ILE D 100 -13.96 3.17 26.37
N ALA D 101 -13.43 2.29 25.55
CA ALA D 101 -14.07 1.70 24.41
C ALA D 101 -13.48 0.26 24.35
N LEU D 102 -14.32 -0.50 23.71
CA LEU D 102 -14.18 -1.91 23.44
C LEU D 102 -14.80 -2.09 22.03
N MET D 103 -13.94 -2.70 21.26
CA MET D 103 -14.32 -3.05 19.86
C MET D 103 -13.94 -4.54 19.73
N LYS D 104 -14.95 -5.28 19.30
CA LYS D 104 -14.88 -6.70 19.09
C LYS D 104 -15.01 -6.93 17.55
N LEU D 105 -14.02 -7.61 17.08
CA LEU D 105 -13.74 -8.01 15.72
C LEU D 105 -14.76 -9.07 15.23
N LYS D 106 -14.82 -9.16 13.89
CA LYS D 106 -15.72 -10.06 13.18
C LYS D 106 -15.30 -11.52 13.28
N LYS D 107 -13.96 -11.55 13.36
CA LYS D 107 -13.36 -12.92 13.55
C LYS D 107 -12.16 -12.79 14.45
N PRO D 108 -11.87 -13.91 15.13
CA PRO D 108 -10.79 -13.97 16.12
C PRO D 108 -9.45 -13.88 15.41
N VAL D 109 -8.45 -13.60 16.20
CA VAL D 109 -7.09 -13.45 15.70
C VAL D 109 -6.13 -14.60 16.09
N ALA D 110 -5.44 -14.96 15.04
CA ALA D 110 -4.38 -15.92 14.92
C ALA D 110 -3.30 -15.62 15.93
N PHE D 111 -3.02 -16.29 17.04
CA PHE D 111 -1.88 -15.74 17.90
C PHE D 111 -0.52 -16.09 17.30
N SER D 112 0.35 -15.13 17.01
CA SER D 112 1.68 -15.26 16.41
C SER D 112 2.64 -15.14 17.61
N ASP D 113 3.88 -15.01 17.34
CA ASP D 113 4.91 -14.74 18.37
C ASP D 113 4.86 -13.21 18.62
N TYR D 114 3.98 -12.67 17.80
CA TYR D 114 3.65 -11.28 17.65
C TYR D 114 2.25 -10.92 18.13
N ILE D 115 1.29 -11.79 17.85
CA ILE D 115 -0.10 -11.51 18.31
C ILE D 115 -0.36 -12.30 19.57
N HIS D 116 -0.33 -11.59 20.70
CA HIS D 116 -0.59 -12.26 22.03
C HIS D 116 -1.26 -11.27 22.95
N PRO D 117 -2.34 -11.66 23.66
CA PRO D 117 -3.12 -10.82 24.53
C PRO D 117 -2.50 -10.44 25.87
N VAL D 118 -2.93 -9.31 26.40
CA VAL D 118 -2.48 -8.83 27.70
C VAL D 118 -3.58 -9.14 28.70
N CYS D 119 -3.21 -9.37 29.92
CA CYS D 119 -4.14 -9.69 30.99
C CYS D 119 -4.59 -8.41 31.72
N LEU D 120 -5.80 -8.45 32.18
CA LEU D 120 -6.47 -7.41 32.97
C LEU D 120 -6.22 -7.72 34.46
N PRO D 121 -6.11 -6.69 35.31
CA PRO D 121 -5.83 -6.86 36.74
C PRO D 121 -6.96 -7.43 37.58
N ASP D 122 -6.54 -8.03 38.67
CA ASP D 122 -7.37 -8.69 39.74
C ASP D 122 -7.61 -7.67 40.80
N ARG D 123 -8.53 -7.74 41.73
CA ARG D 123 -8.68 -6.57 42.67
C ARG D 123 -7.41 -6.31 43.45
N GLU D 124 -6.61 -7.34 43.52
CA GLU D 124 -5.36 -7.43 44.22
C GLU D 124 -4.11 -7.20 43.46
N THR D 125 -4.07 -7.48 42.17
CA THR D 125 -2.79 -7.32 41.37
C THR D 125 -2.80 -5.81 41.12
N ALA D 126 -4.05 -5.46 40.85
CA ALA D 126 -4.42 -4.07 40.55
C ALA D 126 -4.15 -3.20 41.78
N ALA D 127 -4.25 -3.95 42.86
CA ALA D 127 -4.08 -3.40 44.21
C ALA D 127 -2.64 -3.08 44.48
N SER D 128 -1.78 -3.96 44.81
CA SER D 128 -0.37 -3.81 45.09
C SER D 128 0.54 -3.22 44.04
N LEU D 129 0.09 -3.25 42.80
CA LEU D 129 0.97 -2.72 41.72
C LEU D 129 0.68 -1.26 41.45
N LEU D 130 -0.57 -0.85 41.62
CA LEU D 130 -0.92 0.55 41.35
C LEU D 130 -0.45 1.45 42.48
N GLN D 131 0.87 1.55 42.63
CA GLN D 131 1.41 2.36 43.73
C GLN D 131 2.38 3.40 43.22
N ALA D 132 2.26 4.61 43.68
CA ALA D 132 3.20 5.64 43.23
C ALA D 132 4.63 5.17 43.35
N GLY D 133 5.47 5.54 42.41
CA GLY D 133 6.88 5.17 42.49
C GLY D 133 7.21 4.02 41.57
N TYR D 134 6.23 3.18 41.34
CA TYR D 134 6.35 2.02 40.44
C TYR D 134 6.35 2.43 38.98
N LYS D 135 7.20 1.80 38.18
CA LYS D 135 7.24 2.11 36.72
C LYS D 135 6.26 1.19 35.99
N GLY D 136 5.71 1.73 34.94
CA GLY D 136 4.74 1.12 34.02
C GLY D 136 5.43 1.28 32.65
N ARG D 137 4.91 0.83 31.57
CA ARG D 137 5.61 1.01 30.28
C ARG D 137 4.56 1.38 29.29
N VAL D 138 4.81 2.40 28.53
CA VAL D 138 3.93 2.90 27.49
C VAL D 138 4.62 2.68 26.14
N THR D 139 3.71 2.53 25.16
CA THR D 139 4.16 2.30 23.78
C THR D 139 3.17 2.81 22.76
N GLY D 140 3.73 3.32 21.65
CA GLY D 140 2.93 3.85 20.57
C GLY D 140 3.76 4.49 19.45
N TRP D 141 3.04 4.69 18.34
CA TRP D 141 3.64 5.27 17.15
C TRP D 141 3.04 6.67 16.98
N GLY D 142 2.79 7.36 18.07
CA GLY D 142 2.21 8.74 17.86
C GLY D 142 3.42 9.68 17.74
N ASN D 143 3.13 10.94 17.88
CA ASN D 143 4.06 12.03 17.84
C ASN D 143 5.26 11.81 18.77
N LEU D 144 6.35 12.15 18.12
CA LEU D 144 7.69 12.08 18.72
C LEU D 144 7.89 13.33 19.56
N LYS D 145 7.42 14.48 19.06
CA LYS D 145 7.62 15.72 19.87
C LYS D 145 6.30 16.43 20.13
N GLU D 146 6.30 17.08 21.32
CA GLU D 146 5.06 17.82 21.67
C GLU D 146 4.63 18.44 20.33
N THR D 147 5.57 19.19 19.78
CA THR D 147 5.36 19.86 18.50
C THR D 147 6.35 19.46 17.39
N TRP D 148 5.75 18.59 16.63
CA TRP D 148 6.25 17.92 15.42
C TRP D 148 4.94 17.56 14.67
N THR D 149 3.85 17.72 15.43
CA THR D 149 2.48 17.50 14.98
C THR D 149 2.44 16.76 13.65
N GLY D 155 8.52 14.37 15.05
CA GLY D 155 7.46 13.86 14.19
C GLY D 155 6.91 12.53 14.70
N GLN D 156 6.83 11.60 13.76
CA GLN D 156 6.27 10.26 13.97
C GLN D 156 7.30 9.14 13.93
N PRO D 157 7.13 8.26 14.94
CA PRO D 157 8.05 7.14 15.09
C PRO D 157 7.93 6.30 13.83
N SER D 158 9.09 5.81 13.46
CA SER D 158 9.32 4.91 12.36
C SER D 158 9.04 3.44 12.72
N VAL D 159 9.17 3.16 14.00
CA VAL D 159 8.92 1.84 14.60
C VAL D 159 8.21 2.09 15.91
N LEU D 160 7.60 1.10 16.49
CA LEU D 160 6.93 1.29 17.81
C LEU D 160 7.94 2.00 18.71
N GLN D 161 7.45 2.68 19.70
CA GLN D 161 8.17 3.46 20.72
C GLN D 161 7.95 2.94 22.12
N VAL D 162 8.93 2.56 22.95
CA VAL D 162 8.48 2.08 24.29
C VAL D 162 8.98 3.21 25.21
N VAL D 163 8.59 3.34 26.44
CA VAL D 163 9.12 4.33 27.40
C VAL D 163 8.60 3.95 28.80
N ASN D 164 9.38 3.88 29.84
CA ASN D 164 8.92 3.44 31.21
C ASN D 164 8.75 4.68 32.12
N LEU D 165 7.68 4.78 32.87
CA LEU D 165 7.39 5.98 33.68
C LEU D 165 6.89 5.61 35.04
N PRO D 166 7.21 6.45 36.03
CA PRO D 166 6.77 6.19 37.40
C PRO D 166 5.29 6.53 37.56
N ILE D 167 4.54 5.90 38.43
CA ILE D 167 3.13 6.25 38.66
C ILE D 167 3.21 7.37 39.68
N VAL D 168 2.62 8.48 39.44
CA VAL D 168 2.68 9.63 40.42
C VAL D 168 1.53 9.60 41.39
N GLU D 169 1.38 10.52 42.35
CA GLU D 169 0.32 10.52 43.35
C GLU D 169 -0.88 11.47 43.12
N ARG D 170 -2.04 10.92 43.57
CA ARG D 170 -3.33 11.59 43.40
C ARG D 170 -3.12 13.09 43.50
N PRO D 171 -2.63 13.51 44.63
CA PRO D 171 -2.33 14.94 44.86
C PRO D 171 -1.62 15.61 43.69
N VAL D 172 -0.35 15.32 43.58
CA VAL D 172 0.55 15.81 42.54
C VAL D 172 -0.08 16.02 41.17
N CYS D 173 -0.86 15.04 40.79
CA CYS D 173 -1.57 15.00 39.51
C CYS D 173 -2.58 16.14 39.47
N LYS D 174 -3.42 16.08 40.49
CA LYS D 174 -4.48 17.06 40.65
C LYS D 174 -3.89 18.47 40.65
N ASP D 175 -2.88 18.62 41.51
CA ASP D 175 -2.32 20.02 41.58
C ASP D 175 -1.60 20.24 40.25
N SER D 176 -1.25 19.13 39.64
CA SER D 176 -0.55 19.16 38.33
C SER D 176 -1.33 19.88 37.23
N THR D 177 -2.65 19.89 37.31
CA THR D 177 -3.56 20.49 36.36
C THR D 177 -4.65 21.34 37.00
N ARG D 178 -5.40 21.84 36.02
CA ARG D 178 -6.58 22.64 36.29
C ARG D 178 -7.83 21.80 35.98
N ILE D 179 -7.62 20.73 35.21
CA ILE D 179 -8.72 19.82 34.81
C ILE D 179 -9.13 19.06 36.06
N ARG D 180 -10.34 18.60 36.04
CA ARG D 180 -10.95 17.84 37.12
C ARG D 180 -10.49 16.40 37.15
N ILE D 181 -9.94 15.95 38.25
CA ILE D 181 -9.46 14.52 38.26
C ILE D 181 -10.59 13.66 38.75
N THR D 182 -10.58 12.37 38.50
CA THR D 182 -11.59 11.43 38.95
C THR D 182 -10.88 10.15 39.49
N ASP D 183 -11.73 9.25 39.98
CA ASP D 183 -11.24 8.01 40.62
C ASP D 183 -10.87 7.01 39.55
N ASN D 184 -11.25 7.39 38.35
CA ASN D 184 -11.07 6.65 37.14
C ASN D 184 -9.96 7.16 36.22
N MET D 185 -8.97 7.84 36.72
CA MET D 185 -7.84 8.38 35.92
C MET D 185 -6.59 8.05 36.73
N PHE D 186 -5.47 8.40 36.25
CA PHE D 186 -4.18 8.24 37.00
C PHE D 186 -3.13 9.07 36.21
N CYS D 187 -2.09 9.46 36.89
CA CYS D 187 -1.02 10.24 36.21
C CYS D 187 0.23 9.36 36.38
N ALA D 188 1.13 9.59 35.47
CA ALA D 188 2.39 8.82 35.39
C ALA D 188 3.48 9.68 34.82
N GLY D 189 4.71 9.64 35.26
CA GLY D 189 5.80 10.47 34.73
C GLY D 189 6.77 10.95 35.80
N TYR D 190 7.94 11.52 35.40
CA TYR D 190 8.88 11.94 36.47
C TYR D 190 8.61 13.35 36.98
N LYS D 191 9.13 13.57 38.20
CA LYS D 191 8.91 14.96 38.77
C LYS D 191 9.89 15.81 37.99
N PRO D 192 9.59 17.09 37.83
CA PRO D 192 10.46 17.97 37.04
C PRO D 192 11.81 18.11 37.74
N ASP D 193 12.12 17.23 38.67
CA ASP D 193 13.36 17.28 39.43
C ASP D 193 14.19 16.01 39.39
N GLU D 194 13.62 14.93 38.97
CA GLU D 194 14.14 13.58 38.94
C GLU D 194 15.10 13.27 37.81
N GLY D 195 15.38 14.23 36.96
CA GLY D 195 16.30 14.11 35.84
C GLY D 195 16.21 12.78 35.09
N LYS D 196 15.13 12.66 34.38
CA LYS D 196 14.64 11.63 33.52
C LYS D 196 13.43 12.25 32.81
N ARG D 197 13.03 11.72 31.69
CA ARG D 197 11.82 12.26 31.04
C ARG D 197 11.05 11.10 30.41
N GLY D 198 10.12 11.57 29.60
CA GLY D 198 9.32 10.68 28.76
C GLY D 198 7.86 10.96 28.94
N ASP D 199 7.11 10.91 27.86
CA ASP D 199 5.66 11.11 27.94
C ASP D 199 4.94 10.43 26.77
N ALA D 200 3.64 10.28 26.93
CA ALA D 200 2.84 9.71 25.81
C ALA D 200 2.47 11.00 25.08
N CYS D 201 1.93 10.87 23.88
CA CYS D 201 1.55 12.24 23.34
C CYS D 201 0.47 11.98 22.32
N GLU D 202 0.12 13.02 21.59
CA GLU D 202 -0.89 12.90 20.55
C GLU D 202 -0.56 11.65 19.72
N GLY D 203 -1.63 11.04 19.23
CA GLY D 203 -1.64 9.89 18.37
C GLY D 203 -1.30 8.63 19.13
N ASP D 204 -1.27 8.77 20.40
CA ASP D 204 -0.97 7.76 21.40
C ASP D 204 -2.15 7.19 22.17
N SER D 205 -3.28 7.83 22.32
CA SER D 205 -4.42 7.32 23.07
C SER D 205 -4.70 5.86 22.70
N GLY D 206 -5.35 5.17 23.65
CA GLY D 206 -5.73 3.77 23.48
C GLY D 206 -4.65 2.73 23.73
N GLY D 207 -3.40 3.03 23.48
CA GLY D 207 -2.24 2.15 23.69
C GLY D 207 -2.20 1.71 25.15
N PRO D 208 -1.52 0.62 25.46
CA PRO D 208 -1.56 0.08 26.80
C PRO D 208 -0.46 0.64 27.69
N PHE D 209 -0.80 0.86 28.94
CA PHE D 209 0.13 1.22 30.03
C PHE D 209 0.14 -0.10 30.86
N VAL D 210 1.23 -0.82 30.75
CA VAL D 210 1.29 -2.10 31.47
C VAL D 210 2.42 -2.14 32.47
N MET D 211 2.28 -3.14 33.31
CA MET D 211 3.18 -3.45 34.40
C MET D 211 3.37 -4.96 34.41
N LYS D 212 4.57 -5.40 34.67
CA LYS D 212 4.93 -6.82 34.80
C LYS D 212 4.93 -7.16 36.31
N SER D 213 4.10 -8.11 36.68
CA SER D 213 3.86 -8.62 38.02
C SER D 213 5.02 -9.38 38.57
N PRO D 214 5.52 -9.13 39.74
CA PRO D 214 6.67 -9.93 40.21
C PRO D 214 6.20 -11.27 40.77
N PHE D 215 4.93 -11.47 41.08
CA PHE D 215 4.32 -12.68 41.63
C PHE D 215 4.28 -13.83 40.63
N ASN D 216 3.51 -13.59 39.58
CA ASN D 216 3.28 -14.54 38.48
C ASN D 216 4.08 -14.18 37.24
N ASN D 217 4.75 -13.09 37.31
CA ASN D 217 5.62 -12.57 36.24
C ASN D 217 4.97 -12.36 34.89
N ARG D 218 3.65 -12.11 34.88
CA ARG D 218 2.96 -11.85 33.62
C ARG D 218 2.84 -10.34 33.50
N TRP D 219 2.44 -9.86 32.34
CA TRP D 219 2.26 -8.45 32.08
C TRP D 219 0.82 -8.08 32.26
N TYR D 220 0.48 -7.06 33.00
CA TYR D 220 -0.88 -6.60 33.17
C TYR D 220 -1.09 -5.26 32.53
N GLN D 221 -2.30 -5.03 32.10
CA GLN D 221 -2.66 -3.69 31.62
C GLN D 221 -3.37 -2.99 32.83
N MET D 222 -2.75 -1.86 33.12
CA MET D 222 -3.22 -0.98 34.20
C MET D 222 -3.88 0.31 33.73
N GLY D 223 -3.22 0.99 32.80
CA GLY D 223 -3.83 2.28 32.31
C GLY D 223 -4.03 2.19 30.81
N ILE D 224 -4.68 3.18 30.26
CA ILE D 224 -4.97 3.31 28.83
C ILE D 224 -4.48 4.72 28.51
N VAL D 225 -3.87 5.03 27.42
CA VAL D 225 -3.42 6.43 27.22
C VAL D 225 -4.68 7.25 26.92
N SER D 226 -5.03 8.15 27.82
CA SER D 226 -6.22 8.96 27.62
C SER D 226 -6.04 10.44 27.26
N TRP D 227 -5.37 11.21 28.08
CA TRP D 227 -5.11 12.63 27.93
C TRP D 227 -3.84 13.17 28.57
N GLY D 228 -3.63 14.45 28.29
CA GLY D 228 -2.47 15.19 28.78
C GLY D 228 -2.52 16.64 28.36
N GLU D 229 -1.61 17.40 28.91
CA GLU D 229 -1.45 18.85 28.63
C GLU D 229 -0.02 19.13 28.13
N GLY D 230 0.08 19.08 26.81
CA GLY D 230 1.39 19.25 26.12
C GLY D 230 1.90 17.82 25.92
N CYS D 231 3.16 17.63 26.11
CA CYS D 231 3.86 16.37 26.03
C CYS D 231 5.32 16.63 26.49
N ASP D 232 5.70 15.85 27.45
CA ASP D 232 7.04 15.89 28.10
C ASP D 232 7.29 17.31 28.59
N ARG D 233 6.28 17.78 29.34
CA ARG D 233 6.34 19.16 29.89
C ARG D 233 6.82 19.05 31.35
N ASP D 234 7.68 20.01 31.70
CA ASP D 234 8.22 20.02 33.07
C ASP D 234 7.07 20.18 34.09
N GLY D 235 6.98 19.10 34.87
CA GLY D 235 6.01 18.97 35.94
C GLY D 235 4.56 19.06 35.52
N LYS D 236 4.14 18.25 34.64
CA LYS D 236 2.77 18.05 34.08
C LYS D 236 2.83 16.55 33.78
N TYR D 237 1.86 15.76 34.14
CA TYR D 237 1.96 14.28 33.93
C TYR D 237 0.88 13.88 32.93
N GLY D 238 0.93 12.65 32.42
CA GLY D 238 -0.06 12.13 31.45
C GLY D 238 -1.17 11.39 32.20
N PHE D 239 -2.38 11.45 31.70
CA PHE D 239 -3.48 10.80 32.47
C PHE D 239 -3.84 9.48 31.84
N TYR D 240 -3.91 8.39 32.56
CA TYR D 240 -4.28 7.12 31.90
C TYR D 240 -5.66 6.74 32.39
N THR D 241 -6.52 6.14 31.60
CA THR D 241 -7.81 5.66 32.08
C THR D 241 -7.53 4.58 33.12
N HIS D 242 -8.37 4.49 34.11
CA HIS D 242 -8.19 3.50 35.20
C HIS D 242 -8.96 2.24 34.87
N VAL D 243 -8.20 1.27 34.34
CA VAL D 243 -8.79 0.01 33.87
C VAL D 243 -9.28 -0.87 35.00
N PHE D 244 -8.48 -0.99 36.06
CA PHE D 244 -8.95 -1.93 37.10
C PHE D 244 -10.38 -1.55 37.49
N ARG D 245 -10.61 -0.32 37.71
CA ARG D 245 -11.80 0.35 38.14
C ARG D 245 -12.88 0.51 37.11
N LEU D 246 -12.67 0.08 35.89
CA LEU D 246 -13.70 0.20 34.82
C LEU D 246 -13.92 -1.26 34.32
N LYS D 247 -13.25 -2.13 35.04
CA LYS D 247 -13.20 -3.53 34.77
C LYS D 247 -14.49 -4.29 34.87
N LYS D 248 -15.51 -3.87 35.59
CA LYS D 248 -16.75 -4.71 35.65
C LYS D 248 -17.61 -4.47 34.44
N TRP D 249 -17.44 -3.33 33.82
CA TRP D 249 -18.18 -2.96 32.60
C TRP D 249 -17.62 -3.82 31.47
N ILE D 250 -16.30 -4.00 31.53
CA ILE D 250 -15.59 -4.82 30.52
C ILE D 250 -16.16 -6.26 30.56
N GLN D 251 -16.07 -6.79 31.78
CA GLN D 251 -16.53 -8.14 32.10
C GLN D 251 -18.00 -8.23 31.67
N LYS D 252 -18.68 -7.10 31.64
CA LYS D 252 -20.11 -7.05 31.27
C LYS D 252 -20.31 -7.05 29.77
N VAL D 253 -19.90 -5.97 29.09
CA VAL D 253 -20.08 -5.96 27.64
C VAL D 253 -19.68 -7.33 27.07
N ILE D 254 -18.78 -7.98 27.80
CA ILE D 254 -18.20 -9.29 27.41
C ILE D 254 -19.02 -10.49 28.02
N ASP D 255 -20.27 -10.41 27.65
CA ASP D 255 -21.37 -11.37 27.84
C ASP D 255 -22.57 -10.69 27.14
N GLN D 256 -22.55 -11.09 25.89
CA GLN D 256 -23.45 -10.70 24.83
C GLN D 256 -22.60 -10.11 23.69
N GLU E 1 -4.23 6.22 1.05
CA GLU E 1 -4.04 6.55 -0.37
C GLU E 1 -3.25 7.85 -0.41
N CYS E 2 -1.88 7.79 -0.07
CA CYS E 2 -1.43 9.18 0.00
C CYS E 2 0.10 9.25 -0.09
N PRO E 3 0.69 10.38 0.31
CA PRO E 3 2.09 10.61 0.18
C PRO E 3 2.96 9.51 0.63
N GLU E 4 3.84 9.55 -0.31
CA GLU E 4 5.04 8.77 -0.60
C GLU E 4 4.64 7.39 -1.12
N GLY E 5 3.68 6.95 -0.33
CA GLY E 5 2.98 5.65 -0.26
C GLY E 5 2.56 5.05 -1.59
N TYR E 6 2.01 3.84 -1.30
CA TYR E 6 1.52 2.96 -2.34
C TYR E 6 0.61 1.87 -1.76
N ILE E 7 -0.53 1.79 -2.38
CA ILE E 7 -1.60 0.87 -2.01
C ILE E 7 -1.20 -0.59 -2.42
N LEU E 8 -1.13 -1.47 -1.40
CA LEU E 8 -0.78 -2.92 -1.57
C LEU E 8 -2.09 -3.67 -1.65
N ASP E 9 -2.14 -4.97 -1.43
CA ASP E 9 -3.46 -5.54 -1.64
C ASP E 9 -3.90 -6.66 -0.68
N ASP E 10 -4.00 -6.28 0.58
CA ASP E 10 -4.60 -7.13 1.61
C ASP E 10 -4.98 -6.27 2.81
N GLY E 11 -6.20 -5.69 2.51
CA GLY E 11 -6.79 -4.69 3.46
C GLY E 11 -6.16 -3.36 2.91
N PHE E 12 -6.12 -3.36 1.58
CA PHE E 12 -5.60 -2.37 0.64
C PHE E 12 -4.88 -1.22 1.36
N ILE E 13 -4.13 -1.68 2.34
CA ILE E 13 -3.32 -0.82 3.18
C ILE E 13 -2.28 -0.21 2.25
N CYS E 14 -1.84 0.97 2.61
CA CYS E 14 -0.84 1.72 1.89
C CYS E 14 0.50 1.17 2.42
N THR E 15 1.44 1.06 1.54
CA THR E 15 2.77 0.60 1.90
C THR E 15 3.57 1.89 1.68
N ASP E 16 4.29 2.36 2.66
CA ASP E 16 5.05 3.59 2.34
C ASP E 16 6.48 3.12 2.05
N ILE E 17 6.78 3.45 0.82
CA ILE E 17 8.01 3.27 0.07
C ILE E 17 8.88 4.54 0.18
#